data_7OHM
#
_entry.id   7OHM
#
_entity_poly.entity_id   1
_entity_poly.type   'polydeoxyribonucleotide'
_entity_poly.pdbx_seq_one_letter_code
;(DC)(DG)(DA)(5HC)(DG)(DT)(DC)(DG)
;
_entity_poly.pdbx_strand_id   A,B
#